data_1A34
#
_entry.id   1A34
#
_cell.length_a   174.270
_cell.length_b   191.770
_cell.length_c   202.500
_cell.angle_alpha   90.00
_cell.angle_beta   90.00
_cell.angle_gamma   90.00
#
_symmetry.space_group_name_H-M   'I 2 2 2'
#
loop_
_entity.id
_entity.type
_entity.pdbx_description
1 polymer 'SATELLITE TOBACCO MOSAIC VIRUS'
2 polymer "RNA (5'-R(P*AP*AP*AP*AP*AP*AP*AP*AP*AP*A)-3')"
3 polymer "RNA (5'-R(P*UP*UP*UP*UP*UP*UP*UP*UP*UP*U)-3')"
4 non-polymer 'SULFATE ION'
5 non-polymer "URIDINE-5'-MONOPHOSPHATE"
6 water water
#
loop_
_entity_poly.entity_id
_entity_poly.type
_entity_poly.pdbx_seq_one_letter_code
_entity_poly.pdbx_strand_id
1 'polypeptide(L)'
;MGRGKVKPNRKSTGDNSNVVTMIRAGSYPKVNPTPTWVRAIPFEVSVQSGIAFKVPVGSLFSANFRTDSFTSVTVMSVRA
WTQLTPPVNEYSFVRLKPLFKTGDSTEEFEGRASNINTRASVGYRIPTNLRQNTVAADNVCEVRSNCRQVALVISCCFN
;
A
2 'polyribonucleotide' AAAAAAAAAA B
3 'polyribonucleotide' UUUUUUUUUU C
#
# COMPACT_ATOMS: atom_id res chain seq x y z
N THR A 13 4.79 31.06 16.40
CA THR A 13 6.22 31.45 16.65
C THR A 13 7.05 30.53 17.54
N GLY A 14 6.59 29.32 17.89
CA GLY A 14 7.32 28.39 18.76
C GLY A 14 6.96 28.57 20.24
N ASP A 15 7.62 29.48 20.96
CA ASP A 15 7.28 29.70 22.36
C ASP A 15 8.27 30.44 23.26
N ASN A 16 8.18 29.97 24.52
CA ASN A 16 8.88 30.41 25.72
C ASN A 16 7.76 31.23 26.36
N SER A 17 6.80 31.51 25.49
CA SER A 17 5.56 32.25 25.74
C SER A 17 4.65 31.33 26.54
N ASN A 18 4.05 31.83 27.61
CA ASN A 18 3.18 30.99 28.43
C ASN A 18 1.73 31.40 28.37
N VAL A 19 1.40 32.41 27.57
CA VAL A 19 0.02 32.85 27.47
C VAL A 19 -0.40 32.99 26.00
N VAL A 20 -1.72 33.08 25.81
CA VAL A 20 -2.27 33.28 24.48
C VAL A 20 -1.80 34.65 23.98
N THR A 21 -1.46 34.74 22.70
CA THR A 21 -1.04 36.01 22.12
C THR A 21 -1.82 36.24 20.82
N MET A 22 -1.99 37.50 20.44
CA MET A 22 -2.72 37.87 19.24
C MET A 22 -1.93 37.61 17.96
N ILE A 23 -2.68 37.21 16.94
CA ILE A 23 -2.19 36.94 15.59
C ILE A 23 -2.83 38.04 14.74
N ARG A 24 -2.02 38.77 14.00
CA ARG A 24 -2.58 39.85 13.18
C ARG A 24 -2.97 39.32 11.80
N ALA A 25 -4.08 38.58 11.77
CA ALA A 25 -4.65 37.97 10.57
C ALA A 25 -4.95 39.02 9.50
N GLY A 26 -4.81 38.60 8.25
CA GLY A 26 -5.04 39.43 7.08
C GLY A 26 -6.32 39.06 6.39
N SER A 27 -6.23 38.92 5.07
CA SER A 27 -7.38 38.58 4.24
C SER A 27 -7.70 37.11 4.39
N TYR A 28 -8.93 36.72 4.03
CA TYR A 28 -9.33 35.32 4.12
C TYR A 28 -8.43 34.50 3.19
N PRO A 29 -7.82 33.41 3.68
CA PRO A 29 -6.92 32.64 2.81
C PRO A 29 -7.54 31.61 1.87
N LYS A 30 -6.75 31.03 0.97
CA LYS A 30 -7.29 29.98 0.10
C LYS A 30 -7.43 28.81 1.06
N VAL A 31 -8.51 28.05 0.98
CA VAL A 31 -8.70 26.93 1.89
C VAL A 31 -9.10 25.67 1.12
N ASN A 32 -9.06 24.54 1.82
CA ASN A 32 -9.43 23.24 1.25
C ASN A 32 -9.83 22.34 2.41
N PRO A 33 -11.11 22.07 2.57
CA PRO A 33 -11.55 21.21 3.66
C PRO A 33 -11.23 19.72 3.48
N THR A 34 -10.94 19.30 2.24
CA THR A 34 -10.66 17.90 1.96
C THR A 34 -9.33 17.70 1.23
N PRO A 35 -8.21 17.76 1.96
CA PRO A 35 -6.91 17.62 1.30
C PRO A 35 -6.45 16.20 0.94
N THR A 36 -5.32 16.18 0.25
CA THR A 36 -4.68 14.95 -0.17
C THR A 36 -3.92 14.41 1.05
N TRP A 37 -3.46 13.17 0.98
CA TRP A 37 -2.73 12.59 2.12
C TRP A 37 -1.77 11.50 1.63
N VAL A 38 -0.50 11.62 1.97
CA VAL A 38 0.53 10.64 1.60
C VAL A 38 0.55 9.63 2.75
N ARG A 39 0.43 8.35 2.42
CA ARG A 39 0.36 7.30 3.44
C ARG A 39 1.05 5.99 3.11
N ALA A 40 1.27 5.19 4.16
CA ALA A 40 1.83 3.83 4.07
C ALA A 40 0.72 3.01 4.72
N ILE A 41 -0.05 2.31 3.91
CA ILE A 41 -1.18 1.51 4.38
C ILE A 41 -0.86 0.03 4.56
N PRO A 42 -1.03 -0.49 5.79
CA PRO A 42 -0.77 -1.91 6.05
C PRO A 42 -2.03 -2.78 6.07
N PHE A 43 -2.10 -3.84 5.26
CA PHE A 43 -3.26 -4.72 5.30
C PHE A 43 -2.84 -6.12 4.88
N GLU A 44 -3.64 -7.13 5.20
CA GLU A 44 -3.30 -8.50 4.87
C GLU A 44 -4.29 -9.12 3.91
N VAL A 45 -3.83 -10.09 3.11
CA VAL A 45 -4.70 -10.79 2.17
C VAL A 45 -4.48 -12.29 2.35
N SER A 46 -5.52 -13.08 2.13
CA SER A 46 -5.47 -14.53 2.23
C SER A 46 -5.13 -15.06 0.86
N VAL A 47 -4.19 -16.00 0.81
CA VAL A 47 -3.71 -16.57 -0.45
C VAL A 47 -3.84 -18.10 -0.42
N GLN A 48 -4.14 -18.73 -1.54
CA GLN A 48 -4.24 -20.18 -1.59
C GLN A 48 -3.03 -20.70 -2.31
N SER A 49 -2.61 -21.94 -2.04
CA SER A 49 -1.44 -22.50 -2.71
C SER A 49 -1.67 -22.68 -4.22
N GLY A 50 -0.68 -22.25 -4.98
CA GLY A 50 -0.64 -22.30 -6.45
C GLY A 50 -1.61 -21.42 -7.19
N ILE A 51 -2.26 -20.50 -6.49
CA ILE A 51 -3.23 -19.62 -7.12
C ILE A 51 -2.85 -18.16 -6.88
N ALA A 52 -2.85 -17.37 -7.93
CA ALA A 52 -2.54 -15.96 -7.78
C ALA A 52 -3.75 -15.21 -7.23
N PHE A 53 -3.51 -14.25 -6.34
CA PHE A 53 -4.58 -13.46 -5.76
C PHE A 53 -4.44 -12.03 -6.26
N LYS A 54 -5.47 -11.48 -6.89
CA LYS A 54 -5.45 -10.10 -7.39
C LYS A 54 -5.88 -9.17 -6.25
N VAL A 55 -4.97 -8.30 -5.81
CA VAL A 55 -5.21 -7.35 -4.72
C VAL A 55 -6.02 -6.15 -5.21
N PRO A 56 -7.25 -5.96 -4.69
CA PRO A 56 -8.06 -4.82 -5.14
C PRO A 56 -7.67 -3.49 -4.51
N VAL A 57 -7.74 -2.43 -5.29
CA VAL A 57 -7.41 -1.10 -4.80
C VAL A 57 -8.44 -0.71 -3.73
N GLY A 58 -9.65 -1.22 -3.81
CA GLY A 58 -10.74 -0.97 -2.87
C GLY A 58 -10.34 -1.23 -1.42
N SER A 59 -9.35 -2.09 -1.21
CA SER A 59 -8.87 -2.42 0.12
C SER A 59 -8.23 -1.22 0.84
N LEU A 60 -7.78 -0.22 0.08
CA LEU A 60 -7.14 0.97 0.64
C LEU A 60 -8.10 2.01 1.18
N PHE A 61 -9.38 1.94 0.83
CA PHE A 61 -10.40 2.89 1.28
C PHE A 61 -11.18 2.27 2.43
N SER A 62 -10.92 2.73 3.64
CA SER A 62 -11.60 2.16 4.78
C SER A 62 -11.51 3.05 6.00
N ALA A 63 -12.55 3.04 6.84
CA ALA A 63 -12.54 3.82 8.07
C ALA A 63 -11.39 3.33 8.97
N ASN A 64 -10.94 2.09 8.80
CA ASN A 64 -9.85 1.51 9.58
C ASN A 64 -8.52 2.21 9.31
N PHE A 65 -8.42 2.95 8.20
CA PHE A 65 -7.20 3.69 7.85
C PHE A 65 -7.50 5.19 7.77
N ARG A 66 -8.71 5.61 8.14
CA ARG A 66 -9.14 7.02 8.07
C ARG A 66 -9.20 7.47 6.60
N THR A 67 -9.42 6.54 5.67
CA THR A 67 -9.45 6.89 4.24
C THR A 67 -10.76 6.61 3.52
N ASP A 68 -11.85 6.38 4.25
CA ASP A 68 -13.13 6.11 3.62
C ASP A 68 -13.74 7.32 2.88
N SER A 69 -13.19 8.52 3.06
CA SER A 69 -13.71 9.70 2.36
C SER A 69 -13.08 9.89 0.97
N PHE A 70 -12.07 9.09 0.64
CA PHE A 70 -11.40 9.19 -0.67
C PHE A 70 -11.99 8.18 -1.65
N THR A 71 -11.96 8.49 -2.94
CA THR A 71 -12.48 7.58 -3.96
C THR A 71 -11.39 7.21 -4.97
N SER A 72 -10.23 7.88 -4.90
CA SER A 72 -9.11 7.62 -5.79
C SER A 72 -7.81 7.61 -4.99
N VAL A 73 -6.79 6.98 -5.57
CA VAL A 73 -5.50 6.90 -4.94
C VAL A 73 -4.42 6.69 -5.98
N THR A 74 -3.25 7.29 -5.77
CA THR A 74 -2.13 7.10 -6.70
C THR A 74 -1.12 6.22 -5.95
N VAL A 75 -0.90 5.00 -6.43
CA VAL A 75 0.03 4.10 -5.78
C VAL A 75 1.47 4.39 -6.20
N MET A 76 2.39 4.48 -5.25
CA MET A 76 3.79 4.76 -5.55
C MET A 76 4.66 3.50 -5.41
N SER A 77 4.44 2.68 -4.39
CA SER A 77 5.24 1.48 -4.23
C SER A 77 4.47 0.44 -3.43
N VAL A 78 4.82 -0.82 -3.64
CA VAL A 78 4.17 -1.93 -2.98
C VAL A 78 5.21 -2.86 -2.36
N ARG A 79 5.09 -3.18 -1.08
CA ARG A 79 6.00 -4.09 -0.42
C ARG A 79 5.15 -5.20 0.19
N ALA A 80 5.63 -6.43 0.14
CA ALA A 80 4.88 -7.56 0.68
C ALA A 80 5.75 -8.49 1.51
N TRP A 81 5.15 -9.05 2.56
CA TRP A 81 5.84 -9.97 3.45
C TRP A 81 4.95 -11.18 3.71
N THR A 82 5.52 -12.38 3.83
CA THR A 82 4.68 -13.53 4.17
C THR A 82 4.24 -13.26 5.61
N GLN A 83 3.02 -13.64 5.95
CA GLN A 83 2.45 -13.36 7.27
C GLN A 83 2.13 -14.56 8.16
N LEU A 84 2.26 -15.77 7.62
CA LEU A 84 2.05 -17.00 8.40
C LEU A 84 3.21 -17.90 8.04
N THR A 85 3.45 -18.97 8.80
CA THR A 85 4.57 -19.87 8.52
C THR A 85 4.37 -20.66 7.22
N PRO A 86 5.45 -21.09 6.57
CA PRO A 86 5.32 -21.86 5.32
C PRO A 86 5.04 -23.34 5.62
N PRO A 87 4.75 -24.13 4.59
CA PRO A 87 4.50 -25.56 4.76
C PRO A 87 5.76 -26.24 5.32
N VAL A 88 5.59 -27.39 5.97
CA VAL A 88 6.71 -28.12 6.55
C VAL A 88 7.80 -28.38 5.48
N ASN A 89 9.06 -28.24 5.90
CA ASN A 89 10.27 -28.44 5.09
C ASN A 89 10.59 -27.28 4.14
N GLU A 90 9.71 -26.29 4.00
CA GLU A 90 9.98 -25.21 3.06
C GLU A 90 10.34 -23.87 3.69
N TYR A 91 10.93 -23.03 2.86
CA TYR A 91 11.29 -21.66 3.23
C TYR A 91 10.17 -20.82 2.61
N SER A 92 9.78 -19.74 3.27
CA SER A 92 8.73 -18.89 2.72
C SER A 92 9.17 -18.18 1.44
N PHE A 93 8.21 -17.91 0.56
CA PHE A 93 8.46 -17.15 -0.66
C PHE A 93 7.23 -16.29 -0.96
N VAL A 94 7.45 -15.16 -1.62
CA VAL A 94 6.35 -14.28 -2.01
C VAL A 94 6.72 -13.68 -3.37
N ARG A 95 5.77 -13.63 -4.30
CA ARG A 95 6.00 -13.07 -5.63
C ARG A 95 4.98 -12.00 -5.90
N LEU A 96 5.39 -10.94 -6.59
CA LEU A 96 4.48 -9.84 -6.92
C LEU A 96 4.53 -9.54 -8.41
N LYS A 97 3.35 -9.48 -9.03
CA LYS A 97 3.24 -9.17 -10.44
C LYS A 97 2.44 -7.87 -10.58
N PRO A 98 3.07 -6.76 -11.01
CA PRO A 98 2.36 -5.49 -11.15
C PRO A 98 1.24 -5.50 -12.19
N LEU A 99 0.09 -4.91 -11.84
CA LEU A 99 -1.05 -4.83 -12.76
C LEU A 99 -1.31 -3.35 -13.05
N PHE A 100 -1.71 -3.03 -14.28
CA PHE A 100 -1.99 -1.64 -14.66
C PHE A 100 -3.17 -1.61 -15.62
N LYS A 101 -4.04 -0.61 -15.50
CA LYS A 101 -5.20 -0.47 -16.38
C LYS A 101 -4.80 -0.34 -17.85
N THR A 102 -3.64 0.25 -18.15
CA THR A 102 -3.20 0.44 -19.54
C THR A 102 -2.48 -0.79 -20.09
N GLY A 103 -2.20 -1.80 -19.26
CA GLY A 103 -1.52 -3.01 -19.69
C GLY A 103 -0.78 -3.64 -18.53
N ASP A 104 -1.06 -4.91 -18.25
CA ASP A 104 -0.42 -5.61 -17.14
C ASP A 104 1.01 -6.00 -17.44
N SER A 105 1.82 -6.04 -16.40
CA SER A 105 3.22 -6.43 -16.54
C SER A 105 3.32 -7.95 -16.39
N THR A 106 4.45 -8.52 -16.78
CA THR A 106 4.63 -9.96 -16.63
C THR A 106 5.85 -10.22 -15.72
N GLU A 107 6.33 -9.19 -15.03
CA GLU A 107 7.46 -9.33 -14.11
C GLU A 107 6.96 -10.08 -12.87
N GLU A 108 7.78 -10.96 -12.31
CA GLU A 108 7.39 -11.70 -11.11
C GLU A 108 8.47 -11.50 -10.05
N PHE A 109 8.50 -10.31 -9.45
CA PHE A 109 9.47 -9.96 -8.43
C PHE A 109 9.30 -10.95 -7.27
N GLU A 110 10.38 -11.58 -6.85
CA GLU A 110 10.26 -12.58 -5.80
C GLU A 110 11.32 -12.50 -4.73
N GLY A 111 10.87 -12.76 -3.50
CA GLY A 111 11.71 -12.79 -2.31
C GLY A 111 11.52 -14.15 -1.65
N ARG A 112 12.60 -14.73 -1.13
CA ARG A 112 12.51 -16.01 -0.43
C ARG A 112 13.24 -15.85 0.91
N ALA A 113 12.78 -16.53 1.95
CA ALA A 113 13.45 -16.46 3.24
C ALA A 113 14.69 -17.36 3.22
N SER A 114 15.67 -17.05 4.07
CA SER A 114 16.89 -17.87 4.16
C SER A 114 16.94 -18.64 5.49
N ASN A 115 15.93 -18.43 6.35
CA ASN A 115 15.76 -19.10 7.63
C ASN A 115 14.29 -19.51 7.62
N ILE A 116 13.97 -20.79 7.86
CA ILE A 116 12.57 -21.21 7.80
C ILE A 116 11.62 -20.48 8.75
N ASN A 117 12.15 -19.89 9.81
CA ASN A 117 11.33 -19.20 10.80
C ASN A 117 11.16 -17.71 10.50
N THR A 118 11.66 -17.26 9.36
CA THR A 118 11.61 -15.84 8.99
C THR A 118 10.73 -15.53 7.77
N ARG A 119 10.21 -14.30 7.74
CA ARG A 119 9.35 -13.88 6.64
C ARG A 119 10.11 -13.67 5.34
N ALA A 120 9.46 -13.94 4.23
CA ALA A 120 10.05 -13.68 2.93
C ALA A 120 9.48 -12.29 2.57
N SER A 121 10.19 -11.46 1.82
CA SER A 121 9.70 -10.14 1.45
C SER A 121 10.24 -9.68 0.10
N VAL A 122 9.51 -8.79 -0.55
CA VAL A 122 9.87 -8.21 -1.83
C VAL A 122 8.97 -7.01 -2.08
N GLY A 123 9.37 -6.13 -2.97
CA GLY A 123 8.57 -4.96 -3.30
C GLY A 123 8.93 -4.46 -4.66
N TYR A 124 8.14 -3.51 -5.16
CA TYR A 124 8.39 -2.90 -6.45
C TYR A 124 7.93 -1.46 -6.40
N ARG A 125 8.61 -0.64 -7.19
CA ARG A 125 8.30 0.77 -7.28
C ARG A 125 7.63 1.05 -8.64
N ILE A 126 6.62 1.92 -8.64
CA ILE A 126 5.91 2.29 -9.85
C ILE A 126 6.56 3.57 -10.37
N PRO A 127 6.99 3.60 -11.64
CA PRO A 127 7.65 4.81 -12.16
C PRO A 127 6.63 5.96 -12.33
N THR A 128 7.11 7.19 -12.35
CA THR A 128 6.27 8.39 -12.50
C THR A 128 5.28 8.33 -13.65
N ASN A 129 5.72 7.83 -14.81
CA ASN A 129 4.87 7.73 -15.98
C ASN A 129 3.68 6.79 -15.80
N LEU A 130 3.73 5.90 -14.82
CA LEU A 130 2.62 4.99 -14.58
C LEU A 130 1.84 5.34 -13.31
N ARG A 131 2.10 6.50 -12.72
CA ARG A 131 1.41 6.91 -11.50
C ARG A 131 0.12 7.69 -11.77
N GLN A 132 -0.90 7.02 -12.29
CA GLN A 132 -2.17 7.70 -12.54
C GLN A 132 -3.09 7.25 -11.41
N ASN A 133 -4.30 7.78 -11.33
CA ASN A 133 -5.19 7.36 -10.26
C ASN A 133 -5.80 5.99 -10.53
N THR A 134 -6.17 5.33 -9.45
CA THR A 134 -6.85 4.03 -9.51
C THR A 134 -8.06 4.17 -8.59
N VAL A 135 -9.13 3.43 -8.87
CA VAL A 135 -10.35 3.47 -8.07
C VAL A 135 -10.60 2.08 -7.47
N ALA A 136 -11.60 1.94 -6.60
CA ALA A 136 -11.91 0.70 -5.91
C ALA A 136 -11.97 -0.58 -6.78
N ALA A 137 -12.54 -0.51 -7.97
CA ALA A 137 -12.65 -1.66 -8.86
C ALA A 137 -11.36 -2.11 -9.54
N ASP A 138 -10.32 -1.27 -9.52
CA ASP A 138 -9.04 -1.61 -10.14
C ASP A 138 -8.24 -2.53 -9.24
N ASN A 139 -7.24 -3.20 -9.79
CA ASN A 139 -6.39 -4.09 -9.02
C ASN A 139 -4.99 -3.52 -8.99
N VAL A 140 -4.26 -3.74 -7.92
CA VAL A 140 -2.90 -3.23 -7.79
C VAL A 140 -1.86 -4.20 -8.33
N CYS A 141 -1.94 -5.45 -7.88
CA CYS A 141 -0.98 -6.46 -8.29
C CYS A 141 -1.51 -7.85 -7.99
N GLU A 142 -0.78 -8.85 -8.45
CA GLU A 142 -1.08 -10.25 -8.22
C GLU A 142 -0.05 -10.76 -7.22
N VAL A 143 -0.49 -11.50 -6.22
CA VAL A 143 0.38 -12.04 -5.19
C VAL A 143 0.35 -13.56 -5.24
N ARG A 144 1.51 -14.20 -5.10
CA ARG A 144 1.62 -15.66 -5.07
C ARG A 144 2.54 -15.99 -3.90
N SER A 145 2.24 -17.02 -3.12
CA SER A 145 3.06 -17.39 -1.99
C SER A 145 2.76 -18.82 -1.55
N ASN A 146 3.69 -19.45 -0.83
CA ASN A 146 3.46 -20.79 -0.28
C ASN A 146 2.87 -20.61 1.13
N CYS A 147 2.69 -19.37 1.58
CA CYS A 147 2.12 -19.03 2.90
C CYS A 147 0.66 -18.61 2.70
N ARG A 148 -0.22 -18.91 3.65
CA ARG A 148 -1.65 -18.63 3.51
C ARG A 148 -2.09 -17.18 3.68
N GLN A 149 -1.19 -16.32 4.16
CA GLN A 149 -1.50 -14.92 4.33
C GLN A 149 -0.27 -14.10 3.96
N VAL A 150 -0.47 -12.95 3.33
CA VAL A 150 0.60 -12.06 2.92
C VAL A 150 0.25 -10.68 3.48
N ALA A 151 1.23 -10.02 4.07
CA ALA A 151 1.03 -8.68 4.62
C ALA A 151 1.61 -7.66 3.63
N LEU A 152 0.80 -6.68 3.23
CA LEU A 152 1.27 -5.67 2.31
C LEU A 152 1.34 -4.31 2.97
N VAL A 153 2.29 -3.51 2.51
CA VAL A 153 2.40 -2.15 3.00
C VAL A 153 2.49 -1.36 1.70
N ILE A 154 1.47 -0.57 1.40
CA ILE A 154 1.45 0.20 0.17
C ILE A 154 1.63 1.70 0.40
N SER A 155 2.63 2.31 -0.26
CA SER A 155 2.87 3.75 -0.15
C SER A 155 2.06 4.39 -1.25
N CYS A 156 1.21 5.33 -0.88
CA CYS A 156 0.36 5.94 -1.86
C CYS A 156 -0.08 7.34 -1.47
N CYS A 157 -0.69 8.00 -2.45
CA CYS A 157 -1.19 9.35 -2.27
C CYS A 157 -2.69 9.37 -2.51
N PHE A 158 -3.45 9.55 -1.43
CA PHE A 158 -4.90 9.61 -1.54
C PHE A 158 -5.28 11.01 -2.03
N ASN A 159 -6.23 11.08 -2.96
CA ASN A 159 -6.65 12.38 -3.48
C ASN A 159 -8.10 12.31 -3.91
#